data_8HMW
#
_entry.id   8HMW
#
_entity_poly.entity_id   1
_entity_poly.type   'polydeoxyribonucleotide'
_entity_poly.pdbx_seq_one_letter_code
;(DC)(DG)(DC)(SJO)(DC)(DG)
;
_entity_poly.pdbx_strand_id   A,B
#
loop_
_chem_comp.id
_chem_comp.type
_chem_comp.name
_chem_comp.formula
DC DNA linking 2'-DEOXYCYTIDINE-5'-MONOPHOSPHATE 'C9 H14 N3 O7 P'
DG DNA linking 2'-DEOXYGUANOSINE-5'-MONOPHOSPHATE 'C10 H14 N5 O7 P'
SJO DNA linking '[(2R,3R,4R,5R)-5-(2-azanyl-8-methyl-6-oxidanylidene-1H-purin-9-yl)-4-methoxy-3-oxidanyl-oxolan-2-yl]methyl dihydrogen phosphate' 'C12 H18 N5 O8 P'
#
# COMPACT_ATOMS: atom_id res chain seq x y z
P SJO A 4 4.84 0.75 4.20
O1P SJO A 4 6.21 1.27 4.06
O2P SJO A 4 4.54 -0.30 5.20
O5' SJO A 4 3.85 2.00 4.50
C2A SJO A 4 0.37 6.30 7.88
C2' SJO A 4 1.84 5.24 6.37
O2' SJO A 4 1.73 5.95 7.61
C5' SJO A 4 2.82 1.90 5.48
C4' SJO A 4 2.91 3.05 6.51
O4' SJO A 4 3.88 4.01 6.06
C1' SJO A 4 3.28 5.31 5.88
N9 SJO A 4 3.30 5.68 4.46
C4 SJO A 4 2.59 5.05 3.47
N3 SJO A 4 1.78 3.97 3.65
C2 SJO A 4 1.22 3.58 2.51
N2 SJO A 4 0.40 2.54 2.49
N1 SJO A 4 1.45 4.18 1.29
C6 SJO A 4 2.27 5.28 1.09
O6 SJO A 4 2.41 5.75 -0.04
C5 SJO A 4 2.88 5.72 2.30
N7 SJO A 4 3.76 6.77 2.55
C8 SJO A 4 3.98 6.70 3.83
C8A SJO A 4 4.91 7.67 4.56
C3' SJO A 4 1.56 3.76 6.61
O3' SJO A 4 1.03 3.59 7.93
H31 SJO A 4 -0.24 5.39 7.92
H32 SJO A 4 -0.02 6.96 7.09
H33 SJO A 4 0.31 6.81 8.85
H2'' SJO A 4 1.16 5.64 5.61
H5' SJO A 4 2.90 0.96 5.99
H5'' SJO A 4 1.84 1.94 4.97
H4' SJO A 4 3.19 2.66 7.48
H1' SJO A 4 3.82 6.05 6.45
H21 SJO A 4 -0.02 2.23 1.63
H22 SJO A 4 0.19 2.05 3.35
H1 SJO A 4 0.96 3.82 0.49
H81 SJO A 4 5.52 7.12 5.28
H82 SJO A 4 4.33 8.42 5.08
H83 SJO A 4 5.56 8.15 3.83
H3' SJO A 4 0.85 3.39 5.87
P SJO B 4 -5.52 -2.16 -2.58
O1P SJO B 4 -6.40 -1.63 -3.65
O2P SJO B 4 -6.09 -2.93 -1.46
O5' SJO B 4 -4.37 -3.06 -3.29
C2A SJO B 4 -1.36 -8.35 -5.53
C2' SJO B 4 -2.33 -6.20 -5.26
O2' SJO B 4 -2.48 -7.51 -5.82
C5' SJO B 4 -3.98 -4.31 -2.72
C4' SJO B 4 -4.08 -5.45 -3.75
O4' SJO B 4 -4.33 -4.90 -5.05
C1' SJO B 4 -3.27 -5.23 -5.97
N9 SJO B 4 -2.53 -4.02 -6.37
C4 SJO B 4 -1.76 -3.26 -5.53
N3 SJO B 4 -1.57 -3.50 -4.21
C2 SJO B 4 -0.77 -2.59 -3.66
N2 SJO B 4 -0.47 -2.66 -2.37
N1 SJO B 4 -0.20 -1.55 -4.35
C6 SJO B 4 -0.38 -1.29 -5.70
O6 SJO B 4 0.16 -0.33 -6.23
C5 SJO B 4 -1.24 -2.26 -6.31
N7 SJO B 4 -1.68 -2.37 -7.63
C8 SJO B 4 -2.43 -3.44 -7.60
C8A SJO B 4 -3.16 -3.95 -8.85
C3' SJO B 4 -2.75 -6.22 -3.81
O3' SJO B 4 -2.96 -7.57 -3.39
H31 SJO B 4 -0.46 -7.92 -5.99
H32 SJO B 4 -1.53 -9.35 -5.94
H33 SJO B 4 -1.23 -8.42 -4.45
H2'' SJO B 4 -1.29 -5.87 -5.35
H5' SJO B 4 -4.62 -4.54 -1.88
H5'' SJO B 4 -2.95 -4.22 -2.36
H4' SJO B 4 -4.89 -6.13 -3.48
H1' SJO B 4 -3.68 -5.71 -6.85
H21 SJO B 4 0.13 -1.97 -1.95
H22 SJO B 4 -0.86 -3.40 -1.80
H1 SJO B 4 0.40 -0.91 -3.85
H81 SJO B 4 -4.17 -4.25 -8.59
H82 SJO B 4 -2.62 -4.80 -9.26
H83 SJO B 4 -3.20 -3.16 -9.61
H3' SJO B 4 -1.99 -5.74 -3.20
P SJO A 4 4.89 0.71 4.17
O1P SJO A 4 6.27 1.22 4.01
O2P SJO A 4 4.60 -0.34 5.17
O5' SJO A 4 3.92 1.98 4.46
C2A SJO A 4 0.50 6.31 7.90
C2' SJO A 4 1.95 5.23 6.38
O2' SJO A 4 1.86 5.95 7.60
C5' SJO A 4 2.90 1.90 5.47
C4' SJO A 4 3.02 3.04 6.49
O4' SJO A 4 3.99 4.00 6.03
C1' SJO A 4 3.39 5.30 5.85
N9 SJO A 4 3.38 5.67 4.43
C4 SJO A 4 2.66 5.04 3.46
N3 SJO A 4 1.85 3.97 3.64
C2 SJO A 4 1.28 3.57 2.52
N2 SJO A 4 0.45 2.52 2.52
N1 SJO A 4 1.49 4.18 1.30
C6 SJO A 4 2.30 5.28 1.08
O6 SJO A 4 2.42 5.75 -0.04
C5 SJO A 4 2.92 5.72 2.29
N7 SJO A 4 3.81 6.77 2.52
C8 SJO A 4 4.04 6.69 3.80
C8A SJO A 4 4.98 7.68 4.52
C3' SJO A 4 1.67 3.76 6.63
O3' SJO A 4 1.18 3.59 7.96
H31 SJO A 4 0.11 6.96 7.12
H32 SJO A 4 0.46 6.83 8.86
H33 SJO A 4 -0.11 5.41 7.95
H2'' SJO A 4 1.27 5.62 5.63
H5' SJO A 4 2.97 0.95 5.99
H5'' SJO A 4 1.93 1.94 4.98
H4' SJO A 4 3.33 2.64 7.46
H1' SJO A 4 3.94 6.03 6.41
H21 SJO A 4 0.02 2.22 1.66
H22 SJO A 4 0.27 2.03 3.38
H1 SJO A 4 0.99 3.82 0.50
H81 SJO A 4 5.23 8.49 3.84
H82 SJO A 4 5.88 7.16 4.83
H83 SJO A 4 4.48 8.08 5.40
H3' SJO A 4 0.95 3.39 5.91
P SJO B 4 -5.55 -2.21 -2.49
O1P SJO B 4 -6.45 -1.69 -3.54
O2P SJO B 4 -6.11 -2.99 -1.35
O5' SJO B 4 -4.42 -3.12 -3.20
C2A SJO B 4 -1.43 -8.41 -5.49
C2' SJO B 4 -2.40 -6.26 -5.21
O2' SJO B 4 -2.56 -7.57 -5.76
C5' SJO B 4 -4.01 -4.37 -2.64
C4' SJO B 4 -4.13 -5.51 -3.67
O4' SJO B 4 -4.39 -4.95 -4.97
C1' SJO B 4 -3.35 -5.29 -5.91
N9 SJO B 4 -2.61 -4.09 -6.32
C4 SJO B 4 -1.83 -3.32 -5.50
N3 SJO B 4 -1.62 -3.55 -4.17
C2 SJO B 4 -0.83 -2.64 -3.63
N2 SJO B 4 -0.50 -2.72 -2.34
N1 SJO B 4 -0.26 -1.60 -4.33
C6 SJO B 4 -0.47 -1.35 -5.68
O6 SJO B 4 0.08 -0.39 -6.22
C5 SJO B 4 -1.33 -2.31 -6.27
N7 SJO B 4 -1.79 -2.43 -7.58
C8 SJO B 4 -2.54 -3.49 -7.55
C8A SJO B 4 -3.28 -4.01 -8.79
C3' SJO B 4 -2.80 -6.28 -3.75
O3' SJO B 4 -3.00 -7.62 -3.32
H31 SJO B 4 -0.54 -7.98 -5.95
H32 SJO B 4 -1.61 -9.40 -5.90
H33 SJO B 4 -1.28 -8.48 -4.41
H2'' SJO B 4 -1.36 -5.92 -5.32
H5' SJO B 4 -4.64 -4.60 -1.78
H5'' SJO B 4 -2.98 -4.28 -2.30
H4' SJO B 4 -4.93 -6.20 -3.39
H1' SJO B 4 -3.78 -5.77 -6.78
H21 SJO B 4 0.11 -2.03 -1.93
H22 SJO B 4 -0.88 -3.47 -1.77
H1 SJO B 4 0.35 -0.97 -3.84
H81 SJO B 4 -4.29 -4.31 -8.52
H82 SJO B 4 -2.75 -4.87 -9.21
H83 SJO B 4 -3.33 -3.22 -9.54
H3' SJO B 4 -2.03 -5.80 -3.15
P SJO A 4 4.90 0.80 4.14
O1P SJO A 4 6.28 1.32 3.97
O2P SJO A 4 4.63 -0.25 5.16
O5' SJO A 4 3.93 2.04 4.44
C2A SJO A 4 0.49 6.39 7.83
C2' SJO A 4 1.94 5.30 6.30
O2' SJO A 4 1.84 6.04 7.53
C5' SJO A 4 2.90 1.97 5.43
C4' SJO A 4 3.01 3.12 6.45
O4' SJO A 4 3.97 4.07 5.99
C1' SJO A 4 3.37 5.37 5.78
N9 SJO A 4 3.37 5.73 4.36
C4 SJO A 4 2.65 5.09 3.39
N3 SJO A 4 1.84 4.02 3.59
C2 SJO A 4 1.26 3.61 2.47
N2 SJO A 4 0.44 2.57 2.48
N1 SJO A 4 1.48 4.20 1.25
C6 SJO A 4 2.30 5.30 1.02
O6 SJO A 4 2.42 5.75 -0.11
C5 SJO A 4 2.91 5.75 2.21
N7 SJO A 4 3.80 6.79 2.43
C8 SJO A 4 4.04 6.73 3.71
C8A SJO A 4 4.99 7.72 4.42
C3' SJO A 4 1.66 3.84 6.57
O3' SJO A 4 1.15 3.68 7.89
H31 SJO A 4 0.09 7.03 7.04
H32 SJO A 4 0.45 6.91 8.77
H33 SJO A 4 -0.12 5.48 7.89
H2'' SJO A 4 1.25 5.70 5.55
H5' SJO A 4 2.99 1.02 5.97
H5'' SJO A 4 1.93 2.00 4.94
H4' SJO A 4 3.32 2.74 7.43
H1' SJO A 4 3.93 6.12 6.34
H21 SJO A 4 0.00 2.26 1.63
H22 SJO A 4 0.24 2.09 3.35
H1 SJO A 4 0.98 3.83 0.44
H81 SJO A 4 5.61 7.17 5.13
H82 SJO A 4 4.41 8.47 4.95
H83 SJO A 4 5.63 8.20 3.68
H3' SJO A 4 0.94 3.46 5.84
P SJO B 4 -5.55 -2.18 -2.45
O1P SJO B 4 -6.46 -1.67 -3.50
O2P SJO B 4 -6.11 -2.95 -1.31
O5' SJO B 4 -4.43 -3.10 -3.16
C2A SJO B 4 -1.46 -8.42 -5.39
C2' SJO B 4 -2.41 -6.26 -5.13
O2' SJO B 4 -2.57 -7.58 -5.66
C5' SJO B 4 -4.02 -4.34 -2.58
C4' SJO B 4 -4.14 -5.50 -3.60
O4' SJO B 4 -4.40 -4.95 -4.90
C1' SJO B 4 -3.36 -5.30 -5.83
N9 SJO B 4 -2.63 -4.10 -6.26
C4 SJO B 4 -1.85 -3.33 -5.44
N3 SJO B 4 -1.64 -3.55 -4.12
C2 SJO B 4 -0.83 -2.63 -3.60
N2 SJO B 4 -0.51 -2.69 -2.31
N1 SJO B 4 -0.27 -1.59 -4.31
C6 SJO B 4 -0.47 -1.36 -5.66
O6 SJO B 4 0.07 -0.40 -6.21
C5 SJO B 4 -1.34 -2.33 -6.24
N7 SJO B 4 -1.80 -2.46 -7.55
C8 SJO B 4 -2.56 -3.52 -7.50
C8A SJO B 4 -3.30 -4.06 -8.73
C3' SJO B 4 -2.81 -6.25 -3.66
O3' SJO B 4 -3.01 -7.60 -3.22
H31 SJO B 4 -1.29 -8.47 -4.31
H32 SJO B 4 -0.56 -7.99 -5.86
H33 SJO B 4 -1.63 -9.42 -5.78
H2'' SJO B 4 -1.38 -5.93 -5.24
H5' SJO B 4 -4.64 -4.56 -1.72
H5'' SJO B 4 -2.99 -4.25 -2.24
H4' SJO B 4 -4.94 -6.17 -3.30
H1' SJO B 4 -3.79 -5.79 -6.69
H21 SJO B 4 0.11 -1.99 -1.90
H22 SJO B 4 -0.88 -3.43 -1.72
H1 SJO B 4 0.35 -0.96 -3.82
H81 SJO B 4 -3.35 -3.27 -9.49
H82 SJO B 4 -4.31 -4.35 -8.45
H83 SJO B 4 -2.77 -4.92 -9.14
H3' SJO B 4 -2.04 -5.77 -3.07
P SJO A 4 4.86 0.77 4.20
O1P SJO A 4 6.24 1.28 4.04
O2P SJO A 4 4.58 -0.28 5.20
O5' SJO A 4 3.88 2.02 4.49
C2A SJO A 4 0.43 6.35 7.87
C2' SJO A 4 1.89 5.27 6.36
O2' SJO A 4 1.79 6.00 7.59
C5' SJO A 4 2.85 1.94 5.48
C4' SJO A 4 2.96 3.09 6.51
O4' SJO A 4 3.92 4.04 6.05
C1' SJO A 4 3.33 5.34 5.85
N9 SJO A 4 3.34 5.70 4.43
C4 SJO A 4 2.63 5.07 3.45
N3 SJO A 4 1.82 3.99 3.64
C2 SJO A 4 1.25 3.59 2.51
N2 SJO A 4 0.42 2.55 2.52
N1 SJO A 4 1.46 4.19 1.28
C6 SJO A 4 2.29 5.29 1.07
O6 SJO A 4 2.41 5.75 -0.05
C5 SJO A 4 2.90 5.73 2.28
N7 SJO A 4 3.79 6.78 2.51
C8 SJO A 4 4.01 6.71 3.79
C8A SJO A 4 4.95 7.69 4.50
C3' SJO A 4 1.61 3.80 6.62
O3' SJO A 4 1.10 3.64 7.94
H31 SJO A 4 0.38 6.88 8.82
H32 SJO A 4 -0.18 5.45 7.92
H33 SJO A 4 0.05 7.00 7.08
H2'' SJO A 4 1.21 5.67 5.61
H5' SJO A 4 2.95 0.99 6.00
H5'' SJO A 4 1.89 1.97 4.98
H4' SJO A 4 3.26 2.70 7.48
H1' SJO A 4 3.88 6.08 6.41
H21 SJO A 4 -0.01 2.24 1.65
H22 SJO A 4 0.22 2.07 3.38
H1 SJO A 4 0.98 3.82 0.49
H81 SJO A 4 4.37 8.44 5.03
H82 SJO A 4 5.61 8.18 3.77
H83 SJO A 4 5.57 7.15 5.22
H3' SJO A 4 0.90 3.43 5.88
P SJO B 4 -5.53 -2.18 -2.51
O1P SJO B 4 -6.43 -1.66 -3.56
O2P SJO B 4 -6.10 -2.96 -1.37
O5' SJO B 4 -4.40 -3.09 -3.22
C2A SJO B 4 -1.41 -8.39 -5.49
C2' SJO B 4 -2.37 -6.25 -5.22
O2' SJO B 4 -2.54 -7.56 -5.76
C5' SJO B 4 -3.99 -4.34 -2.66
C4' SJO B 4 -4.11 -5.48 -3.69
O4' SJO B 4 -4.36 -4.93 -4.99
C1' SJO B 4 -3.32 -5.28 -5.91
N9 SJO B 4 -2.58 -4.08 -6.33
C4 SJO B 4 -1.80 -3.32 -5.51
N3 SJO B 4 -1.60 -3.53 -4.18
C2 SJO B 4 -0.80 -2.61 -3.65
N2 SJO B 4 -0.50 -2.68 -2.34
N1 SJO B 4 -0.24 -1.59 -4.35
C6 SJO B 4 -0.42 -1.34 -5.69
O6 SJO B 4 0.13 -0.39 -6.24
C5 SJO B 4 -1.28 -2.31 -6.29
N7 SJO B 4 -1.72 -2.44 -7.61
C8 SJO B 4 -2.49 -3.50 -7.58
C8A SJO B 4 -3.20 -4.04 -8.82
C3' SJO B 4 -2.79 -6.25 -3.75
O3' SJO B 4 -3.00 -7.60 -3.33
H31 SJO B 4 -1.58 -9.39 -5.89
H32 SJO B 4 -1.25 -8.46 -4.42
H33 SJO B 4 -0.52 -7.96 -5.96
H2'' SJO B 4 -1.34 -5.91 -5.32
H5' SJO B 4 -4.62 -4.58 -1.81
H5'' SJO B 4 -2.96 -4.25 -2.31
H4' SJO B 4 -4.92 -6.16 -3.41
H1' SJO B 4 -3.74 -5.75 -6.79
H21 SJO B 4 0.10 -1.99 -1.93
H22 SJO B 4 -0.89 -3.42 -1.77
H1 SJO B 4 0.37 -0.95 -3.85
H81 SJO B 4 -2.83 -3.52 -9.70
H82 SJO B 4 -4.27 -3.86 -8.72
H83 SJO B 4 -3.01 -5.10 -8.91
H3' SJO B 4 -2.02 -5.77 -3.15
P SJO A 4 4.84 0.68 4.22
O1P SJO A 4 6.22 1.18 4.08
O2P SJO A 4 4.54 -0.38 5.21
O5' SJO A 4 3.87 1.93 4.51
C2A SJO A 4 0.41 6.24 7.95
C2' SJO A 4 1.87 5.17 6.43
O2' SJO A 4 1.76 5.88 7.67
C5' SJO A 4 2.83 1.85 5.51
C4' SJO A 4 2.94 2.98 6.54
O4' SJO A 4 3.91 3.94 6.09
C1' SJO A 4 3.31 5.24 5.93
N9 SJO A 4 3.32 5.63 4.51
C4 SJO A 4 2.62 5.01 3.53
N3 SJO A 4 1.81 3.94 3.69
C2 SJO A 4 1.25 3.54 2.55
N2 SJO A 4 0.43 2.50 2.53
N1 SJO A 4 1.47 4.17 1.34
C6 SJO A 4 2.29 5.27 1.15
O6 SJO A 4 2.42 5.75 0.02
C5 SJO A 4 2.89 5.69 2.36
N7 SJO A 4 3.78 6.74 2.61
C8 SJO A 4 4.00 6.66 3.89
C8A SJO A 4 4.92 7.64 4.64
C3' SJO A 4 1.59 3.69 6.67
O3' SJO A 4 1.07 3.52 7.99
H31 SJO A 4 0.36 6.75 8.91
H32 SJO A 4 -0.21 5.34 7.98
H33 SJO A 4 0.03 6.90 7.17
H2'' SJO A 4 1.20 5.58 5.68
H5' SJO A 4 2.90 0.89 6.02
H5'' SJO A 4 1.86 1.90 5.01
H4' SJO A 4 3.23 2.58 7.51
H1' SJO A 4 3.86 5.97 6.51
H21 SJO A 4 0.01 2.21 1.66
H22 SJO A 4 0.22 2.00 3.38
H1 SJO A 4 0.99 3.81 0.53
H81 SJO A 4 5.18 8.46 3.97
H82 SJO A 4 5.83 7.12 4.94
H83 SJO A 4 4.41 8.02 5.51
H3' SJO A 4 0.88 3.33 5.94
P SJO B 4 -5.53 -2.16 -2.58
O1P SJO B 4 -6.42 -1.62 -3.63
O2P SJO B 4 -6.11 -2.95 -1.46
O5' SJO B 4 -4.39 -3.06 -3.29
C2A SJO B 4 -1.38 -8.34 -5.58
C2' SJO B 4 -2.35 -6.19 -5.30
O2' SJO B 4 -2.51 -7.50 -5.86
C5' SJO B 4 -4.00 -4.32 -2.73
C4' SJO B 4 -4.10 -5.46 -3.77
O4' SJO B 4 -4.34 -4.90 -5.06
C1' SJO B 4 -3.30 -5.22 -5.99
N9 SJO B 4 -2.56 -4.01 -6.38
C4 SJO B 4 -1.79 -3.26 -5.54
N3 SJO B 4 -1.59 -3.49 -4.23
C2 SJO B 4 -0.79 -2.59 -3.67
N2 SJO B 4 -0.49 -2.67 -2.37
N1 SJO B 4 -0.22 -1.55 -4.36
C6 SJO B 4 -0.41 -1.28 -5.70
O6 SJO B 4 0.14 -0.32 -6.23
C5 SJO B 4 -1.27 -2.24 -6.31
N7 SJO B 4 -1.71 -2.35 -7.63
C8 SJO B 4 -2.47 -3.41 -7.61
C8A SJO B 4 -3.19 -3.92 -8.86
C3' SJO B 4 -2.77 -6.22 -3.84
O3' SJO B 4 -2.98 -7.57 -3.43
H31 SJO B 4 -1.57 -9.33 -6.00
H32 SJO B 4 -1.25 -8.41 -4.51
H33 SJO B 4 -0.50 -7.91 -6.04
H2'' SJO B 4 -1.32 -5.85 -5.40
H5' SJO B 4 -4.64 -4.56 -1.88
H5'' SJO B 4 -2.97 -4.24 -2.37
H4' SJO B 4 -4.91 -6.13 -3.51
H1' SJO B 4 -3.71 -5.69 -6.87
H21 SJO B 4 0.12 -1.99 -1.95
H22 SJO B 4 -0.87 -3.42 -1.81
H1 SJO B 4 0.39 -0.92 -3.85
H81 SJO B 4 -2.66 -4.77 -9.28
H82 SJO B 4 -3.23 -3.12 -9.61
H83 SJO B 4 -4.22 -4.21 -8.60
H3' SJO B 4 -2.01 -5.74 -3.22
P SJO A 4 4.81 0.62 4.24
O1P SJO A 4 6.20 1.13 4.10
O2P SJO A 4 4.51 -0.44 5.23
O5' SJO A 4 3.84 1.88 4.54
C2A SJO A 4 0.39 6.17 7.98
C2' SJO A 4 1.87 5.10 6.46
O2' SJO A 4 1.75 5.81 7.69
C5' SJO A 4 2.79 1.78 5.53
C4' SJO A 4 2.90 2.91 6.58
O4' SJO A 4 3.88 3.86 6.14
C1' SJO A 4 3.30 5.17 5.97
N9 SJO A 4 3.34 5.56 4.55
C4 SJO A 4 2.62 4.95 3.56
N3 SJO A 4 1.81 3.89 3.72
C2 SJO A 4 1.24 3.51 2.57
N2 SJO A 4 0.41 2.47 2.55
N1 SJO A 4 1.47 4.13 1.37
C6 SJO A 4 2.31 5.23 1.18
O6 SJO A 4 2.45 5.71 0.06
C5 SJO A 4 2.91 5.63 2.39
N7 SJO A 4 3.80 6.67 2.66
C8 SJO A 4 4.03 6.58 3.95
C8A SJO A 4 4.98 7.52 4.69
C3' SJO A 4 1.56 3.64 6.68
O3' SJO A 4 1.03 3.46 8.00
H31 SJO A 4 0.02 6.84 7.19
H32 SJO A 4 0.34 6.68 8.94
H33 SJO A 4 -0.23 5.27 8.01
H2'' SJO A 4 1.19 5.53 5.70
H5' SJO A 4 2.87 0.82 6.03
H5'' SJO A 4 1.83 1.83 5.02
H4' SJO A 4 3.18 2.50 7.54
H1' SJO A 4 3.85 5.89 6.55
H21 SJO A 4 -0.02 2.19 1.67
H22 SJO A 4 0.19 1.97 3.40
H1 SJO A 4 0.99 3.79 0.55
H81 SJO A 4 5.58 6.95 5.40
H82 SJO A 4 4.40 8.28 5.22
H83 SJO A 4 5.64 8.02 3.96
H3' SJO A 4 0.85 3.29 5.94
P SJO B 4 -5.53 -2.11 -2.66
O1P SJO B 4 -6.39 -1.57 -3.72
O2P SJO B 4 -6.14 -2.89 -1.54
O5' SJO B 4 -4.39 -3.04 -3.33
C2A SJO B 4 -1.40 -8.36 -5.53
C2' SJO B 4 -2.35 -6.21 -5.29
O2' SJO B 4 -2.52 -7.53 -5.83
C5' SJO B 4 -4.01 -4.29 -2.77
C4' SJO B 4 -4.11 -5.44 -3.78
O4' SJO B 4 -4.34 -4.89 -5.10
C1' SJO B 4 -3.28 -5.24 -6.00
N9 SJO B 4 -2.53 -4.04 -6.40
C4 SJO B 4 -1.76 -3.29 -5.58
N3 SJO B 4 -1.58 -3.52 -4.25
C2 SJO B 4 -0.77 -2.61 -3.70
N2 SJO B 4 -0.49 -2.67 -2.39
N1 SJO B 4 -0.20 -1.56 -4.39
C6 SJO B 4 -0.38 -1.31 -5.74
O6 SJO B 4 0.18 -0.35 -6.28
C5 SJO B 4 -1.23 -2.28 -6.35
N7 SJO B 4 -1.67 -2.40 -7.67
C8 SJO B 4 -2.43 -3.46 -7.64
C8A SJO B 4 -3.14 -3.99 -8.90
C3' SJO B 4 -2.79 -6.22 -3.83
O3' SJO B 4 -3.02 -7.56 -3.40
H31 SJO B 4 -1.26 -8.43 -4.44
H32 SJO B 4 -0.50 -7.95 -5.98
H33 SJO B 4 -1.57 -9.36 -5.93
H2'' SJO B 4 -1.31 -5.88 -5.36
H5' SJO B 4 -4.65 -4.51 -1.92
H5'' SJO B 4 -2.98 -4.20 -2.41
H4' SJO B 4 -4.93 -6.11 -3.52
H1' SJO B 4 -3.69 -5.72 -6.88
H21 SJO B 4 0.13 -1.98 -1.98
H22 SJO B 4 -0.87 -3.42 -1.83
H1 SJO B 4 0.41 -0.93 -3.89
H81 SJO B 4 -2.95 -5.06 -9.00
H82 SJO B 4 -2.76 -3.46 -9.78
H83 SJO B 4 -4.21 -3.82 -8.81
H3' SJO B 4 -2.03 -5.75 -3.21
P SJO A 4 4.83 0.63 4.20
O1P SJO A 4 6.20 1.13 4.06
O2P SJO A 4 4.54 -0.45 5.18
O5' SJO A 4 3.86 1.87 4.51
C2A SJO A 4 0.42 6.15 7.98
C2' SJO A 4 1.88 5.09 6.45
O2' SJO A 4 1.76 5.80 7.69
C5' SJO A 4 2.82 1.78 5.49
C4' SJO A 4 2.93 2.91 6.55
O4' SJO A 4 3.91 3.87 6.11
C1' SJO A 4 3.32 5.17 5.95
N9 SJO A 4 3.33 5.58 4.53
C4 SJO A 4 2.62 4.96 3.55
N3 SJO A 4 1.82 3.89 3.70
C2 SJO A 4 1.25 3.51 2.56
N2 SJO A 4 0.43 2.46 2.53
N1 SJO A 4 1.46 4.14 1.35
C6 SJO A 4 2.29 5.25 1.17
O6 SJO A 4 2.41 5.75 0.06
C5 SJO A 4 2.89 5.66 2.39
N7 SJO A 4 3.77 6.71 2.65
C8 SJO A 4 4.00 6.61 3.94
C8A SJO A 4 4.93 7.57 4.68
C3' SJO A 4 1.59 3.63 6.67
O3' SJO A 4 1.07 3.44 7.99
H31 SJO A 4 -0.20 5.25 8.01
H32 SJO A 4 0.04 6.82 7.22
H33 SJO A 4 0.37 6.65 8.95
H2'' SJO A 4 1.20 5.52 5.71
H5' SJO A 4 2.89 0.82 6.00
H5'' SJO A 4 1.86 1.83 4.99
H4' SJO A 4 3.23 2.49 7.50
H1' SJO A 4 3.87 5.89 6.53
H21 SJO A 4 0.01 2.18 1.66
H22 SJO A 4 0.23 1.95 3.38
H1 SJO A 4 0.98 3.80 0.55
H81 SJO A 4 5.84 7.05 4.98
H82 SJO A 4 4.43 7.96 5.57
H83 SJO A 4 5.20 8.41 4.03
H3' SJO A 4 0.87 3.27 5.93
P SJO B 4 -5.51 -2.15 -2.68
O1P SJO B 4 -6.38 -1.61 -3.74
O2P SJO B 4 -6.11 -2.93 -1.57
O5' SJO B 4 -4.36 -3.06 -3.36
C2A SJO B 4 -1.34 -8.36 -5.57
C2' SJO B 4 -2.31 -6.22 -5.32
O2' SJO B 4 -2.46 -7.52 -5.87
C5' SJO B 4 -3.97 -4.32 -2.78
C4' SJO B 4 -4.07 -5.46 -3.81
O4' SJO B 4 -4.31 -4.91 -5.11
C1' SJO B 4 -3.25 -5.24 -6.02
N9 SJO B 4 -2.52 -4.03 -6.42
C4 SJO B 4 -1.75 -3.28 -5.58
N3 SJO B 4 -1.55 -3.51 -4.27
C2 SJO B 4 -0.76 -2.61 -3.70
N2 SJO B 4 -0.45 -2.69 -2.41
N1 SJO B 4 -0.20 -1.56 -4.39
C6 SJO B 4 -0.39 -1.29 -5.75
O6 SJO B 4 0.16 -0.32 -6.27
C5 SJO B 4 -1.24 -2.25 -6.35
N7 SJO B 4 -1.68 -2.37 -7.67
C8 SJO B 4 -2.43 -3.43 -7.65
C8A SJO B 4 -3.15 -3.94 -8.90
C3' SJO B 4 -2.74 -6.22 -3.86
O3' SJO B 4 -2.94 -7.57 -3.43
H31 SJO B 4 -1.21 -8.43 -4.49
H32 SJO B 4 -0.44 -7.94 -6.01
H33 SJO B 4 -1.51 -9.35 -5.98
H2'' SJO B 4 -1.28 -5.87 -5.40
H5' SJO B 4 -4.62 -4.53 -1.94
H5'' SJO B 4 -2.95 -4.22 -2.43
H4' SJO B 4 -4.88 -6.14 -3.53
H1' SJO B 4 -3.66 -5.72 -6.91
H21 SJO B 4 0.15 -2.00 -1.99
H22 SJO B 4 -0.83 -3.43 -1.86
H1 SJO B 4 0.41 -0.92 -3.89
H81 SJO B 4 -2.61 -4.79 -9.32
H82 SJO B 4 -3.20 -3.15 -9.65
H83 SJO B 4 -4.16 -4.25 -8.64
H3' SJO B 4 -1.99 -5.74 -3.24
P SJO A 4 4.84 0.80 4.20
O1P SJO A 4 6.22 1.34 4.04
O2P SJO A 4 4.59 -0.26 5.20
O5' SJO A 4 3.85 2.04 4.51
C2A SJO A 4 0.32 6.29 7.90
C2' SJO A 4 1.82 5.24 6.40
O2' SJO A 4 1.69 5.96 7.62
C5' SJO A 4 2.82 1.93 5.49
C4' SJO A 4 2.90 3.07 6.53
O4' SJO A 4 3.86 4.03 6.10
C1' SJO A 4 3.26 5.32 5.91
N9 SJO A 4 3.29 5.70 4.48
C4 SJO A 4 2.58 5.07 3.50
N3 SJO A 4 1.76 4.01 3.67
C2 SJO A 4 1.21 3.61 2.53
N2 SJO A 4 0.38 2.57 2.51
N1 SJO A 4 1.45 4.22 1.31
C6 SJO A 4 2.28 5.30 1.12
O6 SJO A 4 2.42 5.78 -0.01
C5 SJO A 4 2.87 5.74 2.33
N7 SJO A 4 3.76 6.78 2.58
C8 SJO A 4 3.97 6.71 3.86
C8A SJO A 4 4.91 7.68 4.59
C3' SJO A 4 1.55 3.77 6.64
O3' SJO A 4 1.02 3.59 7.95
H31 SJO A 4 -0.27 5.38 7.95
H32 SJO A 4 -0.07 6.94 7.12
H33 SJO A 4 0.26 6.80 8.86
H2'' SJO A 4 1.13 5.64 5.63
H5' SJO A 4 2.91 0.97 5.99
H5'' SJO A 4 1.86 1.96 4.99
H4' SJO A 4 3.19 2.66 7.50
H1' SJO A 4 3.80 6.07 6.48
H21 SJO A 4 -0.04 2.27 1.64
H22 SJO A 4 0.16 2.08 3.37
H1 SJO A 4 0.97 3.85 0.50
H81 SJO A 4 5.57 8.17 3.87
H82 SJO A 4 5.51 7.13 5.32
H83 SJO A 4 4.32 8.44 5.12
H3' SJO A 4 0.85 3.39 5.89
P SJO B 4 -5.56 -2.12 -2.47
O1P SJO B 4 -6.45 -1.59 -3.53
O2P SJO B 4 -6.13 -2.88 -1.35
O5' SJO B 4 -4.43 -3.03 -3.17
C2A SJO B 4 -1.49 -8.38 -5.42
C2' SJO B 4 -2.43 -6.22 -5.16
O2' SJO B 4 -2.61 -7.54 -5.69
C5' SJO B 4 -4.03 -4.29 -2.61
C4' SJO B 4 -4.15 -5.43 -3.63
O4' SJO B 4 -4.41 -4.89 -4.93
C1' SJO B 4 -3.37 -5.25 -5.86
N9 SJO B 4 -2.63 -4.06 -6.29
C4 SJO B 4 -1.84 -3.29 -5.47
N3 SJO B 4 -1.65 -3.50 -4.15
C2 SJO B 4 -0.84 -2.60 -3.61
N2 SJO B 4 -0.54 -2.65 -2.31
N1 SJO B 4 -0.26 -1.57 -4.32
C6 SJO B 4 -0.44 -1.34 -5.67
O6 SJO B 4 0.12 -0.39 -6.22
C5 SJO B 4 -1.32 -2.30 -6.26
N7 SJO B 4 -1.76 -2.43 -7.58
C8 SJO B 4 -2.53 -3.49 -7.53
C8A SJO B 4 -3.26 -4.03 -8.77
C3' SJO B 4 -2.83 -6.21 -3.70
O3' SJO B 4 -3.05 -7.56 -3.25
H31 SJO B 4 -0.60 -7.97 -5.90
H32 SJO B 4 -1.68 -9.38 -5.82
H33 SJO B 4 -1.33 -8.44 -4.34
H2'' SJO B 4 -1.40 -5.90 -5.28
H5' SJO B 4 -4.67 -4.51 -1.75
H5'' SJO B 4 -3.01 -4.20 -2.26
H4' SJO B 4 -4.97 -6.11 -3.34
H1' SJO B 4 -3.81 -5.73 -6.73
H21 SJO B 4 0.07 -1.97 -1.91
H22 SJO B 4 -0.93 -3.38 -1.73
H1 SJO B 4 0.36 -0.95 -3.83
H81 SJO B 4 -4.33 -3.84 -8.67
H82 SJO B 4 -3.08 -5.09 -8.87
H83 SJO B 4 -2.89 -3.52 -9.66
H3' SJO B 4 -2.06 -5.73 -3.11
P SJO A 4 4.84 0.80 4.20
O1P SJO A 4 6.22 1.33 4.04
O2P SJO A 4 4.58 -0.25 5.20
O5' SJO A 4 3.85 2.03 4.49
C2A SJO A 4 0.34 6.31 7.89
C2' SJO A 4 1.83 5.25 6.39
O2' SJO A 4 1.70 5.97 7.63
C5' SJO A 4 2.81 1.93 5.48
C4' SJO A 4 2.91 3.08 6.52
O4' SJO A 4 3.86 4.04 6.09
C1' SJO A 4 3.27 5.33 5.90
N9 SJO A 4 3.30 5.72 4.48
C4 SJO A 4 2.60 5.08 3.49
N3 SJO A 4 1.79 4.01 3.66
C2 SJO A 4 1.24 3.61 2.51
N2 SJO A 4 0.41 2.57 2.49
N1 SJO A 4 1.46 4.22 1.31
C6 SJO A 4 2.28 5.32 1.11
O6 SJO A 4 2.42 5.80 -0.01
C5 SJO A 4 2.87 5.76 2.33
N7 SJO A 4 3.75 6.81 2.58
C8 SJO A 4 3.97 6.74 3.87
C8A SJO A 4 4.89 7.71 4.60
C3' SJO A 4 1.54 3.78 6.63
O3' SJO A 4 1.02 3.60 7.94
H31 SJO A 4 -0.27 5.40 7.93
H32 SJO A 4 -0.04 6.97 7.11
H33 SJO A 4 0.28 6.82 8.86
H2'' SJO A 4 1.16 5.66 5.63
H5' SJO A 4 2.90 0.98 5.99
H5'' SJO A 4 1.85 1.98 4.97
H4' SJO A 4 3.18 2.67 7.50
H1' SJO A 4 3.80 6.07 6.48
H21 SJO A 4 0.00 2.27 1.63
H22 SJO A 4 0.21 2.07 3.35
H1 SJO A 4 0.99 3.86 0.49
H81 SJO A 4 5.16 8.54 3.95
H82 SJO A 4 5.80 7.20 4.92
H83 SJO A 4 4.38 8.11 5.48
H3' SJO A 4 0.85 3.42 5.88
P SJO B 4 -5.52 -2.16 -2.61
O1P SJO B 4 -6.37 -1.63 -3.70
O2P SJO B 4 -6.13 -2.90 -1.49
O5' SJO B 4 -4.38 -3.09 -3.27
C2A SJO B 4 -1.39 -8.45 -5.37
C2' SJO B 4 -2.35 -6.28 -5.16
O2' SJO B 4 -2.51 -7.62 -5.68
C5' SJO B 4 -3.99 -4.33 -2.66
C4' SJO B 4 -4.10 -5.50 -3.66
O4' SJO B 4 -4.35 -4.99 -4.98
C1' SJO B 4 -3.29 -5.33 -5.89
N9 SJO B 4 -2.55 -4.13 -6.31
C4 SJO B 4 -1.78 -3.36 -5.50
N3 SJO B 4 -1.59 -3.56 -4.17
C2 SJO B 4 -0.78 -2.64 -3.63
N2 SJO B 4 -0.48 -2.69 -2.34
N1 SJO B 4 -0.21 -1.62 -4.35
C6 SJO B 4 -0.40 -1.38 -5.70
O6 SJO B 4 0.15 -0.44 -6.26
C5 SJO B 4 -1.26 -2.37 -6.29
N7 SJO B 4 -1.71 -2.50 -7.60
C8 SJO B 4 -2.47 -3.56 -7.56
C8A SJO B 4 -3.20 -4.10 -8.80
C3' SJO B 4 -2.76 -6.27 -3.70
O3' SJO B 4 -2.97 -7.60 -3.25
H31 SJO B 4 -0.49 -8.04 -5.83
H32 SJO B 4 -1.57 -9.45 -5.76
H33 SJO B 4 -1.26 -8.49 -4.29
H2'' SJO B 4 -1.31 -5.95 -5.26
H5' SJO B 4 -4.64 -4.53 -1.81
H5'' SJO B 4 -2.97 -4.24 -2.30
H4' SJO B 4 -4.90 -6.17 -3.36
H1' SJO B 4 -3.70 -5.83 -6.76
H21 SJO B 4 0.13 -2.00 -1.94
H22 SJO B 4 -0.87 -3.43 -1.76
H1 SJO B 4 0.40 -0.98 -3.86
H81 SJO B 4 -4.21 -4.39 -8.52
H82 SJO B 4 -2.66 -4.96 -9.19
H83 SJO B 4 -3.25 -3.32 -9.55
H3' SJO B 4 -2.01 -5.77 -3.10
P SJO A 4 4.78 0.64 4.22
O1P SJO A 4 6.16 1.14 4.08
O2P SJO A 4 4.47 -0.41 5.21
O5' SJO A 4 3.81 1.89 4.50
C2A SJO A 4 0.37 6.24 7.88
C2' SJO A 4 1.84 5.16 6.38
O2' SJO A 4 1.73 5.87 7.61
C5' SJO A 4 2.76 1.81 5.49
C4' SJO A 4 2.87 2.95 6.52
O4' SJO A 4 3.86 3.90 6.09
C1' SJO A 4 3.29 5.21 5.89
N9 SJO A 4 3.33 5.58 4.48
C4 SJO A 4 2.62 4.97 3.48
N3 SJO A 4 1.79 3.90 3.66
C2 SJO A 4 1.24 3.52 2.51
N2 SJO A 4 0.39 2.49 2.49
N1 SJO A 4 1.47 4.13 1.30
C6 SJO A 4 2.31 5.22 1.10
O6 SJO A 4 2.45 5.70 -0.01
C5 SJO A 4 2.90 5.64 2.32
N7 SJO A 4 3.80 6.68 2.58
C8 SJO A 4 4.02 6.59 3.86
C8A SJO A 4 4.97 7.54 4.60
C3' SJO A 4 1.53 3.69 6.62
O3' SJO A 4 0.99 3.52 7.94
H31 SJO A 4 0.00 6.89 7.10
H32 SJO A 4 0.32 6.75 8.85
H33 SJO A 4 -0.25 5.33 7.92
H2'' SJO A 4 1.18 5.57 5.62
H5' SJO A 4 2.82 0.86 6.00
H5'' SJO A 4 1.80 1.87 4.98
H4' SJO A 4 3.15 2.55 7.50
H1' SJO A 4 3.84 5.93 6.48
H21 SJO A 4 -0.02 2.20 1.61
H22 SJO A 4 0.19 1.99 3.33
H1 SJO A 4 0.98 3.78 0.49
H81 SJO A 4 5.63 8.03 3.88
H82 SJO A 4 5.57 6.98 5.32
H83 SJO A 4 4.40 8.30 5.13
H3' SJO A 4 0.82 3.34 5.87
P SJO B 4 -5.50 -2.14 -2.69
O1P SJO B 4 -6.36 -1.61 -3.77
O2P SJO B 4 -6.11 -2.90 -1.58
O5' SJO B 4 -4.36 -3.06 -3.37
C2A SJO B 4 -1.34 -8.41 -5.47
C2' SJO B 4 -2.31 -6.26 -5.25
O2' SJO B 4 -2.45 -7.57 -5.81
C5' SJO B 4 -3.97 -4.31 -2.77
C4' SJO B 4 -4.09 -5.47 -3.78
O4' SJO B 4 -4.30 -4.94 -5.09
C1' SJO B 4 -3.23 -5.29 -5.98
N9 SJO B 4 -2.49 -4.09 -6.40
C4 SJO B 4 -1.72 -3.33 -5.56
N3 SJO B 4 -1.54 -3.54 -4.24
C2 SJO B 4 -0.74 -2.63 -3.69
N2 SJO B 4 -0.46 -2.69 -2.39
N1 SJO B 4 -0.17 -1.59 -4.38
C6 SJO B 4 -0.34 -1.35 -5.74
O6 SJO B 4 0.21 -0.41 -6.28
C5 SJO B 4 -1.19 -2.32 -6.33
N7 SJO B 4 -1.62 -2.45 -7.66
C8 SJO B 4 -2.39 -3.51 -7.63
C8A SJO B 4 -3.10 -4.04 -8.88
C3' SJO B 4 -2.76 -6.26 -3.81
O3' SJO B 4 -3.01 -7.60 -3.39
H31 SJO B 4 -1.50 -9.41 -5.88
H32 SJO B 4 -1.24 -8.48 -4.39
H33 SJO B 4 -0.43 -7.99 -5.89
H2'' SJO B 4 -1.26 -5.92 -5.32
H5' SJO B 4 -4.62 -4.52 -1.92
H5'' SJO B 4 -2.95 -4.22 -2.42
H4' SJO B 4 -4.91 -6.13 -3.51
H1' SJO B 4 -3.63 -5.79 -6.86
H21 SJO B 4 0.15 -2.00 -1.97
H22 SJO B 4 -0.85 -3.43 -1.81
H1 SJO B 4 0.43 -0.96 -3.89
H81 SJO B 4 -4.11 -4.34 -8.63
H82 SJO B 4 -2.56 -4.89 -9.28
H83 SJO B 4 -3.13 -3.25 -9.65
H3' SJO B 4 -2.02 -5.79 -3.17
P SJO A 4 3.15 0.35 3.45
O1P SJO A 4 2.80 -0.96 4.04
O2P SJO A 4 2.24 0.98 2.47
O5' SJO A 4 3.40 1.39 4.65
C2A SJO A 4 0.80 6.86 7.68
C2' SJO A 4 1.89 5.15 6.44
O2' SJO A 4 1.89 5.94 7.64
C5' SJO A 4 2.32 1.75 5.52
C4' SJO A 4 2.70 2.85 6.53
O4' SJO A 4 3.73 3.68 5.97
C1' SJO A 4 3.31 5.05 5.88
N9 SJO A 4 3.33 5.51 4.49
C4 SJO A 4 2.62 4.95 3.47
N3 SJO A 4 1.78 3.89 3.60
C2 SJO A 4 1.23 3.55 2.43
N2 SJO A 4 0.37 2.53 2.36
N1 SJO A 4 1.49 4.20 1.25
C6 SJO A 4 2.34 5.29 1.10
O6 SJO A 4 2.51 5.80 0.00
C5 SJO A 4 2.93 5.65 2.34
N7 SJO A 4 3.85 6.67 2.64
C8 SJO A 4 4.04 6.53 3.92
C8A SJO A 4 5.00 7.45 4.71
C3' SJO A 4 1.47 3.72 6.77
O3' SJO A 4 1.09 3.65 8.14
H31 SJO A 4 -0.15 6.31 7.60
H32 SJO A 4 0.88 7.55 6.84
H33 SJO A 4 0.82 7.41 8.61
H2'' SJO A 4 1.22 5.58 5.69
H5' SJO A 4 2.01 0.86 6.07
H5'' SJO A 4 1.49 2.09 4.91
H4' SJO A 4 3.04 2.41 7.47
H1' SJO A 4 3.96 5.67 6.47
H21 SJO A 4 -0.04 2.28 1.48
H22 SJO A 4 0.13 2.02 3.20
H1 SJO A 4 1.01 3.88 0.42
H81 SJO A 4 5.65 6.84 5.35
H82 SJO A 4 4.43 8.13 5.32
H83 SJO A 4 5.62 8.01 4.01
H3' SJO A 4 0.65 3.43 6.14
P SJO B 4 -5.48 -2.16 -2.58
O1P SJO B 4 -6.34 -1.64 -3.66
O2P SJO B 4 -6.07 -2.92 -1.45
O5' SJO B 4 -4.33 -3.08 -3.25
C2A SJO B 4 -1.33 -8.46 -5.30
C2' SJO B 4 -2.29 -6.30 -5.11
O2' SJO B 4 -2.45 -7.62 -5.64
C5' SJO B 4 -3.93 -4.31 -2.64
C4' SJO B 4 -4.04 -5.50 -3.64
O4' SJO B 4 -4.27 -4.98 -4.95
C1' SJO B 4 -3.22 -5.34 -5.85
N9 SJO B 4 -2.48 -4.15 -6.29
C4 SJO B 4 -1.70 -3.38 -5.47
N3 SJO B 4 -1.49 -3.59 -4.15
C2 SJO B 4 -0.68 -2.67 -3.62
N2 SJO B 4 -0.36 -2.73 -2.33
N1 SJO B 4 -0.13 -1.64 -4.33
C6 SJO B 4 -0.34 -1.40 -5.69
O6 SJO B 4 0.20 -0.44 -6.24
C5 SJO B 4 -1.19 -2.37 -6.26
N7 SJO B 4 -1.66 -2.51 -7.57
C8 SJO B 4 -2.41 -3.57 -7.53
C8A SJO B 4 -3.15 -4.11 -8.76
C3' SJO B 4 -2.72 -6.27 -3.66
O3' SJO B 4 -2.96 -7.61 -3.21
H31 SJO B 4 -0.43 -8.05 -5.75
H32 SJO B 4 -1.51 -9.46 -5.70
H33 SJO B 4 -1.21 -8.51 -4.22
H2'' SJO B 4 -1.25 -5.96 -5.21
H5' SJO B 4 -4.57 -4.51 -1.78
H5'' SJO B 4 -2.91 -4.22 -2.30
H4' SJO B 4 -4.86 -6.15 -3.34
H1' SJO B 4 -3.63 -5.84 -6.71
H21 SJO B 4 0.25 -2.03 -1.93
H22 SJO B 4 -0.73 -3.47 -1.75
H1 SJO B 4 0.48 -1.00 -3.85
H81 SJO B 4 -2.60 -4.97 -9.16
H82 SJO B 4 -3.20 -3.33 -9.52
H83 SJO B 4 -4.14 -4.43 -8.48
H3' SJO B 4 -1.96 -5.80 -3.04
P SJO A 4 3.17 0.48 3.39
O1P SJO A 4 2.81 -0.83 3.98
O2P SJO A 4 2.26 1.11 2.41
O5' SJO A 4 3.41 1.52 4.60
C2A SJO A 4 0.76 6.99 7.59
C2' SJO A 4 1.86 5.26 6.37
O2' SJO A 4 1.86 6.06 7.57
C5' SJO A 4 2.32 1.88 5.45
C4' SJO A 4 2.70 2.98 6.47
O4' SJO A 4 3.72 3.82 5.92
C1' SJO A 4 3.27 5.18 5.82
N9 SJO A 4 3.30 5.62 4.41
C4 SJO A 4 2.59 5.04 3.41
N3 SJO A 4 1.74 3.98 3.56
C2 SJO A 4 1.20 3.63 2.40
N2 SJO A 4 0.33 2.61 2.35
N1 SJO A 4 1.45 4.24 1.20
C6 SJO A 4 2.31 5.33 1.03
O6 SJO A 4 2.48 5.81 -0.08
C5 SJO A 4 2.91 5.72 2.26
N7 SJO A 4 3.81 6.74 2.54
C8 SJO A 4 4.01 6.63 3.83
C8A SJO A 4 4.96 7.56 4.60
C3' SJO A 4 1.46 3.84 6.72
O3' SJO A 4 1.09 3.76 8.10
H31 SJO A 4 0.84 7.68 6.75
H32 SJO A 4 0.78 7.55 8.53
H33 SJO A 4 -0.18 6.43 7.52
H2'' SJO A 4 1.19 5.67 5.63
H5' SJO A 4 2.00 0.99 6.00
H5'' SJO A 4 1.51 2.23 4.84
H4' SJO A 4 3.04 2.53 7.40
H1' SJO A 4 3.92 5.83 6.41
H21 SJO A 4 -0.08 2.33 1.48
H22 SJO A 4 0.10 2.11 3.20
H1 SJO A 4 0.98 3.91 0.38
H81 SJO A 4 4.38 8.27 5.20
H82 SJO A 4 5.58 8.11 3.89
H83 SJO A 4 5.59 6.97 5.26
H3' SJO A 4 0.64 3.52 6.09
P SJO B 4 -5.52 -2.17 -2.34
O1P SJO B 4 -6.43 -1.69 -3.40
O2P SJO B 4 -6.08 -2.91 -1.18
O5' SJO B 4 -4.39 -3.11 -3.02
C2A SJO B 4 -1.46 -8.52 -5.11
C2' SJO B 4 -2.40 -6.35 -4.91
O2' SJO B 4 -2.58 -7.67 -5.41
C5' SJO B 4 -3.97 -4.34 -2.41
C4' SJO B 4 -4.10 -5.52 -3.39
O4' SJO B 4 -4.37 -5.01 -4.71
C1' SJO B 4 -3.34 -5.40 -5.64
N9 SJO B 4 -2.61 -4.23 -6.11
C4 SJO B 4 -1.80 -3.43 -5.33
N3 SJO B 4 -1.58 -3.62 -4.00
C2 SJO B 4 -0.77 -2.70 -3.50
N2 SJO B 4 -0.42 -2.74 -2.21
N1 SJO B 4 -0.21 -1.69 -4.25
C6 SJO B 4 -0.42 -1.48 -5.60
O6 SJO B 4 0.11 -0.54 -6.18
C5 SJO B 4 -1.30 -2.46 -6.14
N7 SJO B 4 -1.78 -2.62 -7.45
C8 SJO B 4 -2.56 -3.67 -7.37
C8A SJO B 4 -3.32 -4.22 -8.58
C3' SJO B 4 -2.78 -6.29 -3.45
O3' SJO B 4 -2.99 -7.63 -2.97
H31 SJO B 4 -1.31 -8.55 -4.03
H32 SJO B 4 -0.57 -8.13 -5.59
H33 SJO B 4 -1.66 -9.53 -5.47
H2'' SJO B 4 -1.36 -6.02 -5.05
H5' SJO B 4 -4.60 -4.54 -1.54
H5'' SJO B 4 -2.94 -4.24 -2.09
H4' SJO B 4 -4.91 -6.19 -3.08
H1' SJO B 4 -3.79 -5.91 -6.49
H21 SJO B 4 0.20 -2.03 -1.83
H22 SJO B 4 -0.80 -3.46 -1.61
H1 SJO B 4 0.42 -1.04 -3.78
H81 SJO B 4 -4.32 -4.52 -8.27
H82 SJO B 4 -2.79 -5.09 -8.98
H83 SJO B 4 -3.38 -3.45 -9.35
H3' SJO B 4 -2.01 -5.80 -2.87
P SJO A 4 3.10 0.36 3.35
O1P SJO A 4 2.69 -0.96 3.87
O2P SJO A 4 2.23 1.07 2.38
O5' SJO A 4 3.35 1.33 4.60
C2A SJO A 4 0.78 6.80 7.70
C2' SJO A 4 1.85 5.10 6.43
O2' SJO A 4 1.87 5.87 7.64
C5' SJO A 4 2.25 1.72 5.44
C4' SJO A 4 2.64 2.79 6.48
O4' SJO A 4 3.69 3.62 5.95
C1' SJO A 4 3.28 5.01 5.88
N9 SJO A 4 3.31 5.48 4.49
C4 SJO A 4 2.59 4.93 3.47
N3 SJO A 4 1.73 3.89 3.58
C2 SJO A 4 1.17 3.57 2.40
N2 SJO A 4 0.31 2.56 2.32
N1 SJO A 4 1.44 4.24 1.23
C6 SJO A 4 2.32 5.31 1.10
O6 SJO A 4 2.48 5.83 0.00
C5 SJO A 4 2.91 5.65 2.34
N7 SJO A 4 3.84 6.65 2.66
C8 SJO A 4 4.03 6.50 3.94
C8A SJO A 4 5.00 7.39 4.73
C3' SJO A 4 1.43 3.67 6.73
O3' SJO A 4 1.03 3.58 8.10
H31 SJO A 4 -0.17 6.27 7.61
H32 SJO A 4 0.88 7.52 6.88
H33 SJO A 4 0.81 7.34 8.65
H2'' SJO A 4 1.19 5.55 5.69
H5' SJO A 4 1.89 0.84 5.96
H5'' SJO A 4 1.46 2.11 4.80
H4' SJO A 4 2.97 2.32 7.40
H1' SJO A 4 3.94 5.62 6.48
H21 SJO A 4 -0.12 2.33 1.44
H22 SJO A 4 0.06 2.04 3.16
H1 SJO A 4 0.96 3.93 0.39
H81 SJO A 4 5.63 6.78 5.37
H82 SJO A 4 4.43 8.08 5.36
H83 SJO A 4 5.63 7.95 4.04
H3' SJO A 4 0.60 3.39 6.09
P SJO B 4 -3.87 -1.92 -1.51
O1P SJO B 4 -4.23 -2.19 -0.10
O2P SJO B 4 -2.48 -1.54 -1.85
O5' SJO B 4 -4.28 -3.21 -2.39
C2A SJO B 4 -1.49 -8.34 -5.85
C2' SJO B 4 -2.45 -6.39 -4.90
O2' SJO B 4 -2.71 -7.66 -5.49
C5' SJO B 4 -3.59 -4.45 -2.18
C4' SJO B 4 -3.98 -5.53 -3.22
O4' SJO B 4 -4.29 -4.91 -4.46
C1' SJO B 4 -3.40 -5.35 -5.51
N9 SJO B 4 -2.63 -4.22 -6.05
C4 SJO B 4 -1.80 -3.43 -5.31
N3 SJO B 4 -1.54 -3.57 -3.99
C2 SJO B 4 -0.70 -2.65 -3.54
N2 SJO B 4 -0.33 -2.65 -2.26
N1 SJO B 4 -0.16 -1.65 -4.33
C6 SJO B 4 -0.42 -1.48 -5.68
O6 SJO B 4 0.11 -0.56 -6.30
C5 SJO B 4 -1.32 -2.47 -6.16
N7 SJO B 4 -1.84 -2.67 -7.45
C8 SJO B 4 -2.61 -3.71 -7.31
C8A SJO B 4 -3.40 -4.30 -8.49
C3' SJO B 4 -2.78 -6.44 -3.42
O3' SJO B 4 -3.13 -7.79 -3.06
H31 SJO B 4 -0.88 -8.47 -4.96
H32 SJO B 4 -0.95 -7.75 -6.59
H33 SJO B 4 -1.73 -9.32 -6.27
H2'' SJO B 4 -1.42 -6.08 -5.06
H5' SJO B 4 -3.83 -4.81 -1.18
H5'' SJO B 4 -2.52 -4.26 -2.25
H4' SJO B 4 -4.84 -6.10 -2.85
H1' SJO B 4 -3.97 -5.80 -6.30
H21 SJO B 4 0.31 -1.94 -1.92
H22 SJO B 4 -0.67 -3.35 -1.63
H1 SJO B 4 0.48 -1.00 -3.90
H81 SJO B 4 -3.41 -3.59 -9.31
H82 SJO B 4 -4.43 -4.50 -8.17
H83 SJO B 4 -2.94 -5.22 -8.82
H3' SJO B 4 -1.94 -6.10 -2.84
P SJO A 4 3.14 0.39 3.35
O1P SJO A 4 2.74 -0.93 3.88
O2P SJO A 4 2.27 1.09 2.38
O5' SJO A 4 3.40 1.37 4.60
C2A SJO A 4 0.83 6.84 7.69
C2' SJO A 4 1.91 5.13 6.41
O2' SJO A 4 1.92 5.91 7.62
C5' SJO A 4 2.30 1.76 5.44
C4' SJO A 4 2.70 2.83 6.47
O4' SJO A 4 3.73 3.67 5.92
C1' SJO A 4 3.32 5.04 5.86
N9 SJO A 4 3.34 5.51 4.46
C4 SJO A 4 2.61 4.97 3.44
N3 SJO A 4 1.77 3.91 3.57
C2 SJO A 4 1.20 3.59 2.40
N2 SJO A 4 0.33 2.58 2.34
N1 SJO A 4 1.45 4.24 1.22
C6 SJO A 4 2.32 5.32 1.08
O6 SJO A 4 2.49 5.84 -0.02
C5 SJO A 4 2.93 5.67 2.32
N7 SJO A 4 3.85 6.68 2.61
C8 SJO A 4 4.06 6.53 3.90
C8A SJO A 4 5.02 7.43 4.68
C3' SJO A 4 1.48 3.71 6.73
O3' SJO A 4 1.10 3.62 8.10
H31 SJO A 4 0.87 7.38 8.63
H32 SJO A 4 -0.11 6.30 7.60
H33 SJO A 4 0.91 7.55 6.86
H2'' SJO A 4 1.23 5.58 5.68
H5' SJO A 4 1.94 0.88 5.96
H5'' SJO A 4 1.51 2.14 4.81
H4' SJO A 4 3.03 2.37 7.39
H1' SJO A 4 3.98 5.66 6.44
H21 SJO A 4 -0.10 2.34 1.46
H22 SJO A 4 0.10 2.06 3.17
H1 SJO A 4 0.97 3.94 0.40
H81 SJO A 4 5.66 6.82 5.32
H82 SJO A 4 4.45 8.13 5.30
H83 SJO A 4 5.64 8.00 3.99
H3' SJO A 4 0.65 3.42 6.09
P SJO B 4 -3.88 -1.93 -1.50
O1P SJO B 4 -4.24 -2.19 -0.10
O2P SJO B 4 -2.49 -1.55 -1.84
O5' SJO B 4 -4.29 -3.22 -2.38
C2A SJO B 4 -1.51 -8.35 -5.85
C2' SJO B 4 -2.48 -6.39 -4.90
O2' SJO B 4 -2.73 -7.67 -5.49
C5' SJO B 4 -3.60 -4.46 -2.18
C4' SJO B 4 -4.00 -5.53 -3.21
O4' SJO B 4 -4.31 -4.92 -4.46
C1' SJO B 4 -3.42 -5.36 -5.50
N9 SJO B 4 -2.65 -4.23 -6.04
C4 SJO B 4 -1.83 -3.44 -5.31
N3 SJO B 4 -1.56 -3.59 -3.98
C2 SJO B 4 -0.71 -2.66 -3.53
N2 SJO B 4 -0.33 -2.67 -2.26
N1 SJO B 4 -0.17 -1.67 -4.32
C6 SJO B 4 -0.43 -1.49 -5.67
O6 SJO B 4 0.09 -0.57 -6.29
C5 SJO B 4 -1.34 -2.48 -6.17
N7 SJO B 4 -1.86 -2.67 -7.44
C8 SJO B 4 -2.62 -3.71 -7.31
C8A SJO B 4 -3.42 -4.30 -8.49
C3' SJO B 4 -2.80 -6.46 -3.43
O3' SJO B 4 -3.15 -7.79 -3.06
H31 SJO B 4 -1.75 -9.33 -6.27
H32 SJO B 4 -0.90 -8.47 -4.97
H33 SJO B 4 -0.97 -7.76 -6.59
H2'' SJO B 4 -1.44 -6.09 -5.06
H5' SJO B 4 -3.83 -4.82 -1.18
H5'' SJO B 4 -2.53 -4.28 -2.25
H4' SJO B 4 -4.85 -6.10 -2.84
H1' SJO B 4 -3.99 -5.82 -6.30
H21 SJO B 4 0.31 -1.96 -1.91
H22 SJO B 4 -0.69 -3.37 -1.63
H1 SJO B 4 0.47 -1.02 -3.89
H81 SJO B 4 -4.45 -4.50 -8.18
H82 SJO B 4 -2.96 -5.23 -8.81
H83 SJO B 4 -3.43 -3.59 -9.32
H3' SJO B 4 -1.95 -6.12 -2.83
P SJO A 4 3.16 0.42 3.33
O1P SJO A 4 2.76 -0.91 3.87
O2P SJO A 4 2.28 1.11 2.36
O5' SJO A 4 3.42 1.40 4.58
C2A SJO A 4 0.86 6.87 7.66
C2' SJO A 4 1.93 5.16 6.39
O2' SJO A 4 1.95 5.94 7.60
C5' SJO A 4 2.34 1.79 5.42
C4' SJO A 4 2.72 2.86 6.44
O4' SJO A 4 3.75 3.70 5.90
C1' SJO A 4 3.33 5.07 5.83
N9 SJO A 4 3.34 5.54 4.43
C4 SJO A 4 2.61 4.98 3.42
N3 SJO A 4 1.77 3.93 3.56
C2 SJO A 4 1.20 3.60 2.40
N2 SJO A 4 0.32 2.59 2.35
N1 SJO A 4 1.44 4.24 1.22
C6 SJO A 4 2.30 5.33 1.06
O6 SJO A 4 2.46 5.84 -0.05
C5 SJO A 4 2.92 5.69 2.29
N7 SJO A 4 3.83 6.70 2.58
C8 SJO A 4 4.05 6.56 3.86
C8A SJO A 4 5.02 7.46 4.63
C3' SJO A 4 1.50 3.74 6.72
O3' SJO A 4 1.14 3.65 8.09
H31 SJO A 4 0.90 7.42 8.61
H32 SJO A 4 -0.08 6.33 7.59
H33 SJO A 4 0.94 7.58 6.83
H2'' SJO A 4 1.24 5.60 5.66
H5' SJO A 4 1.98 0.90 5.96
H5'' SJO A 4 1.53 2.17 4.80
H4' SJO A 4 3.07 2.40 7.37
H1' SJO A 4 4.00 5.69 6.41
H21 SJO A 4 -0.10 2.34 1.47
H22 SJO A 4 0.10 2.07 3.18
H1 SJO A 4 0.95 3.94 0.39
H81 SJO A 4 4.46 8.17 5.24
H82 SJO A 4 5.65 8.02 3.92
H83 SJO A 4 5.66 6.86 5.28
H3' SJO A 4 0.67 3.44 6.09
P SJO B 4 -3.88 -1.96 -1.44
O1P SJO B 4 -4.23 -2.23 -0.04
O2P SJO B 4 -2.49 -1.59 -1.80
O5' SJO B 4 -4.28 -3.26 -2.32
C2A SJO B 4 -1.50 -8.39 -5.79
C2' SJO B 4 -2.47 -6.44 -4.84
O2' SJO B 4 -2.72 -7.72 -5.43
C5' SJO B 4 -3.59 -4.50 -2.12
C4' SJO B 4 -3.99 -5.58 -3.13
O4' SJO B 4 -4.31 -4.97 -4.40
C1' SJO B 4 -3.43 -5.41 -5.44
N9 SJO B 4 -2.68 -4.28 -5.98
C4 SJO B 4 -1.84 -3.47 -5.25
N3 SJO B 4 -1.56 -3.62 -3.93
C2 SJO B 4 -0.72 -2.69 -3.49
N2 SJO B 4 -0.34 -2.69 -2.22
N1 SJO B 4 -0.20 -1.70 -4.29
C6 SJO B 4 -0.47 -1.53 -5.64
O6 SJO B 4 0.04 -0.60 -6.27
C5 SJO B 4 -1.37 -2.52 -6.12
N7 SJO B 4 -1.90 -2.72 -7.40
C8 SJO B 4 -2.66 -3.77 -7.26
C8A SJO B 4 -3.46 -4.36 -8.42
C3' SJO B 4 -2.79 -6.49 -3.35
O3' SJO B 4 -3.12 -7.83 -2.99
H31 SJO B 4 -0.97 -7.80 -6.54
H32 SJO B 4 -1.75 -9.37 -6.21
H33 SJO B 4 -0.87 -8.51 -4.91
H2'' SJO B 4 -1.44 -6.13 -5.00
H5' SJO B 4 -3.81 -4.86 -1.11
H5'' SJO B 4 -2.52 -4.31 -2.19
H4' SJO B 4 -4.83 -6.16 -2.76
H1' SJO B 4 -3.99 -5.88 -6.23
H21 SJO B 4 0.30 -1.97 -1.88
H22 SJO B 4 -0.68 -3.39 -1.59
H1 SJO B 4 0.44 -1.04 -3.87
H81 SJO B 4 -2.99 -5.29 -8.76
H82 SJO B 4 -3.48 -3.66 -9.25
H83 SJO B 4 -4.48 -4.57 -8.10
H3' SJO B 4 -1.93 -6.15 -2.78
P SJO A 4 3.16 0.44 3.31
O1P SJO A 4 2.78 -0.89 3.84
O2P SJO A 4 2.28 1.13 2.35
O5' SJO A 4 3.43 1.42 4.55
C2A SJO A 4 0.85 6.89 7.64
C2' SJO A 4 1.93 5.19 6.38
O2' SJO A 4 1.95 5.96 7.58
C5' SJO A 4 2.34 1.81 5.39
C4' SJO A 4 2.74 2.89 6.42
O4' SJO A 4 3.77 3.73 5.87
C1' SJO A 4 3.33 5.10 5.79
N9 SJO A 4 3.33 5.56 4.40
C4 SJO A 4 2.61 5.00 3.40
N3 SJO A 4 1.77 3.95 3.53
C2 SJO A 4 1.19 3.61 2.38
N2 SJO A 4 0.33 2.59 2.32
N1 SJO A 4 1.43 4.26 1.18
C6 SJO A 4 2.29 5.34 1.03
O6 SJO A 4 2.43 5.86 -0.08
C5 SJO A 4 2.90 5.71 2.26
N7 SJO A 4 3.82 6.72 2.55
C8 SJO A 4 4.04 6.59 3.82
C8A SJO A 4 5.01 7.50 4.60
C3' SJO A 4 1.52 3.77 6.71
O3' SJO A 4 1.17 3.67 8.09
H31 SJO A 4 0.89 7.44 8.58
H32 SJO A 4 -0.08 6.34 7.58
H33 SJO A 4 0.92 7.59 6.81
H2'' SJO A 4 1.24 5.62 5.65
H5' SJO A 4 1.98 0.93 5.93
H5'' SJO A 4 1.53 2.19 4.77
H4' SJO A 4 3.09 2.42 7.34
H1' SJO A 4 4.00 5.72 6.37
H21 SJO A 4 -0.10 2.34 1.45
H22 SJO A 4 0.11 2.07 3.17
H1 SJO A 4 0.94 3.95 0.37
H81 SJO A 4 4.45 8.19 5.21
H82 SJO A 4 5.62 8.06 3.89
H83 SJO A 4 5.65 6.89 5.23
H3' SJO A 4 0.68 3.46 6.09
P SJO B 4 -3.84 -1.98 -1.41
O1P SJO B 4 -4.18 -2.25 0.01
O2P SJO B 4 -2.47 -1.59 -1.77
O5' SJO B 4 -4.24 -3.29 -2.27
C2A SJO B 4 -1.46 -8.41 -5.74
C2' SJO B 4 -2.43 -6.46 -4.79
O2' SJO B 4 -2.67 -7.74 -5.37
C5' SJO B 4 -3.55 -4.51 -2.07
C4' SJO B 4 -3.94 -5.60 -3.08
O4' SJO B 4 -4.28 -5.00 -4.33
C1' SJO B 4 -3.40 -5.44 -5.38
N9 SJO B 4 -2.66 -4.30 -5.94
C4 SJO B 4 -1.83 -3.49 -5.22
N3 SJO B 4 -1.54 -3.63 -3.91
C2 SJO B 4 -0.70 -2.69 -3.48
N2 SJO B 4 -0.30 -2.67 -2.21
N1 SJO B 4 -0.18 -1.70 -4.28
C6 SJO B 4 -0.47 -1.54 -5.63
O6 SJO B 4 0.03 -0.61 -6.26
C5 SJO B 4 -1.37 -2.54 -6.10
N7 SJO B 4 -1.90 -2.75 -7.37
C8 SJO B 4 -2.66 -3.80 -7.22
C8A SJO B 4 -3.47 -4.40 -8.37
C3' SJO B 4 -2.73 -6.51 -3.30
O3' SJO B 4 -3.06 -7.85 -2.93
H31 SJO B 4 -0.82 -8.52 -4.87
H32 SJO B 4 -0.94 -7.82 -6.50
H33 SJO B 4 -1.69 -9.39 -6.14
H2'' SJO B 4 -1.40 -6.14 -4.97
H5' SJO B 4 -3.76 -4.87 -1.06
H5'' SJO B 4 -2.48 -4.32 -2.16
H4' SJO B 4 -4.78 -6.18 -2.70
H1' SJO B 4 -3.97 -5.91 -6.17
H21 SJO B 4 0.34 -1.96 -1.88
H22 SJO B 4 -0.63 -3.38 -1.57
H1 SJO B 4 0.45 -1.03 -3.87
H81 SJO B 4 -4.48 -4.62 -8.04
H82 SJO B 4 -2.99 -5.33 -8.71
H83 SJO B 4 -3.50 -3.71 -9.21
H3' SJO B 4 -1.87 -6.16 -2.73
P SJO A 4 3.23 0.50 3.26
O1P SJO A 4 2.85 -0.83 3.80
O2P SJO A 4 2.32 1.17 2.31
O5' SJO A 4 3.48 1.50 4.50
C2A SJO A 4 0.87 6.94 7.59
C2' SJO A 4 1.96 5.24 6.33
O2' SJO A 4 1.98 6.04 7.52
C5' SJO A 4 2.40 1.88 5.35
C4' SJO A 4 2.80 2.96 6.37
O4' SJO A 4 3.80 3.81 5.81
C1' SJO A 4 3.36 5.17 5.73
N9 SJO A 4 3.33 5.62 4.33
C4 SJO A 4 2.60 5.05 3.33
N3 SJO A 4 1.78 3.99 3.49
C2 SJO A 4 1.19 3.64 2.35
N2 SJO A 4 0.34 2.61 2.31
N1 SJO A 4 1.41 4.28 1.15
C6 SJO A 4 2.24 5.38 0.97
O6 SJO A 4 2.37 5.89 -0.13
C5 SJO A 4 2.87 5.76 2.20
N7 SJO A 4 3.78 6.78 2.46
C8 SJO A 4 4.01 6.66 3.74
C8A SJO A 4 4.97 7.59 4.49
C3' SJO A 4 1.56 3.82 6.66
O3' SJO A 4 1.24 3.73 8.05
H31 SJO A 4 0.92 7.49 8.53
H32 SJO A 4 -0.07 6.37 7.54
H33 SJO A 4 0.92 7.64 6.76
H2'' SJO A 4 1.26 5.67 5.59
H5' SJO A 4 2.05 0.99 5.89
H5'' SJO A 4 1.58 2.25 4.73
H4' SJO A 4 3.16 2.50 7.29
H1' SJO A 4 4.02 5.81 6.29
H21 SJO A 4 -0.10 2.35 1.44
H22 SJO A 4 0.14 2.09 3.15
H1 SJO A 4 0.91 3.96 0.34
H81 SJO A 4 5.57 8.17 3.78
H82 SJO A 4 5.63 7.00 5.12
H83 SJO A 4 4.41 8.28 5.12
H3' SJO A 4 0.72 3.51 6.06
P SJO B 4 -3.82 -2.01 -1.36
O1P SJO B 4 -4.15 -2.26 0.06
O2P SJO B 4 -2.45 -1.61 -1.75
O5' SJO B 4 -4.21 -3.33 -2.22
C2A SJO B 4 -1.41 -8.46 -5.66
C2' SJO B 4 -2.40 -6.51 -4.72
O2' SJO B 4 -2.64 -7.80 -5.29
C5' SJO B 4 -3.50 -4.54 -2.00
C4' SJO B 4 -3.90 -5.65 -3.01
O4' SJO B 4 -4.26 -5.06 -4.26
C1' SJO B 4 -3.37 -5.50 -5.31
N9 SJO B 4 -2.66 -4.36 -5.89
C4 SJO B 4 -1.83 -3.53 -5.19
N3 SJO B 4 -1.52 -3.66 -3.87
C2 SJO B 4 -0.69 -2.70 -3.46
N2 SJO B 4 -0.28 -2.68 -2.19
N1 SJO B 4 -0.20 -1.72 -4.27
C6 SJO B 4 -0.49 -1.57 -5.63
O6 SJO B 4 -0.01 -0.65 -6.27
C5 SJO B 4 -1.38 -2.59 -6.07
N7 SJO B 4 -1.93 -2.80 -7.34
C8 SJO B 4 -2.67 -3.87 -7.17
C8A SJO B 4 -3.48 -4.50 -8.32
C3' SJO B 4 -2.68 -6.55 -3.23
O3' SJO B 4 -3.00 -7.89 -2.84
H31 SJO B 4 -0.90 -7.86 -6.42
H32 SJO B 4 -1.64 -9.44 -6.05
H33 SJO B 4 -0.77 -8.55 -4.78
H2'' SJO B 4 -1.37 -6.18 -4.91
H5' SJO B 4 -3.69 -4.90 -1.00
H5'' SJO B 4 -2.44 -4.34 -2.11
H4' SJO B 4 -4.74 -6.23 -2.60
H1' SJO B 4 -3.96 -5.98 -6.09
H21 SJO B 4 0.35 -1.95 -1.88
H22 SJO B 4 -0.60 -3.38 -1.54
H1 SJO B 4 0.44 -1.04 -3.88
H81 SJO B 4 -3.01 -5.42 -8.63
H82 SJO B 4 -3.52 -3.81 -9.15
H83 SJO B 4 -4.49 -4.71 -7.98
H3' SJO B 4 -1.84 -6.18 -2.67
P SJO A 4 3.22 0.57 3.26
O1P SJO A 4 2.85 -0.77 3.81
O2P SJO A 4 2.31 1.24 2.31
O5' SJO A 4 3.46 1.56 4.52
C2A SJO A 4 0.76 6.96 7.61
C2' SJO A 4 1.86 5.27 6.36
O2' SJO A 4 1.87 6.06 7.56
C5' SJO A 4 2.37 1.92 5.36
C4' SJO A 4 2.74 3.00 6.39
O4' SJO A 4 3.74 3.87 5.84
C1' SJO A 4 3.26 5.22 5.77
N9 SJO A 4 3.24 5.68 4.37
C4 SJO A 4 2.52 5.09 3.37
N3 SJO A 4 1.70 4.03 3.53
C2 SJO A 4 1.13 3.66 2.39
N2 SJO A 4 0.29 2.63 2.34
N1 SJO A 4 1.35 4.30 1.19
C6 SJO A 4 2.19 5.40 1.01
O6 SJO A 4 2.32 5.90 -0.10
C5 SJO A 4 2.80 5.79 2.23
N7 SJO A 4 3.70 6.82 2.49
C8 SJO A 4 3.92 6.71 3.78
C8A SJO A 4 4.87 7.66 4.54
C3' SJO A 4 1.50 3.83 6.69
O3' SJO A 4 1.17 3.73 8.08
H31 SJO A 4 0.81 7.65 6.78
H32 SJO A 4 0.79 7.51 8.56
H33 SJO A 4 -0.17 6.39 7.56
H2'' SJO A 4 1.16 5.68 5.63
H5' SJO A 4 2.03 1.03 5.88
H5'' SJO A 4 1.55 2.30 4.73
H4' SJO A 4 3.11 2.54 7.30
H1' SJO A 4 3.91 5.87 6.34
H21 SJO A 4 -0.14 2.36 1.47
H22 SJO A 4 0.08 2.12 3.19
H1 SJO A 4 0.87 3.97 0.37
H81 SJO A 4 4.29 8.35 5.15
H82 SJO A 4 5.47 8.23 3.82
H83 SJO A 4 5.53 7.07 5.17
H3' SJO A 4 0.66 3.51 6.08
P SJO B 4 -3.84 -2.09 -1.24
O1P SJO B 4 -4.15 -2.36 0.18
O2P SJO B 4 -2.46 -1.68 -1.62
O5' SJO B 4 -4.23 -3.39 -2.11
C2A SJO B 4 -1.44 -8.45 -5.66
C2' SJO B 4 -2.41 -6.50 -4.70
O2' SJO B 4 -2.66 -7.80 -5.28
C5' SJO B 4 -3.51 -4.62 -1.92
C4' SJO B 4 -3.89 -5.69 -2.94
O4' SJO B 4 -4.27 -5.08 -4.18
C1' SJO B 4 -3.41 -5.50 -5.26
N9 SJO B 4 -2.70 -4.36 -5.84
C4 SJO B 4 -1.87 -3.53 -5.13
N3 SJO B 4 -1.56 -3.65 -3.82
C2 SJO B 4 -0.72 -2.70 -3.41
N2 SJO B 4 -0.31 -2.68 -2.15
N1 SJO B 4 -0.23 -1.72 -4.23
C6 SJO B 4 -0.54 -1.57 -5.58
O6 SJO B 4 -0.05 -0.65 -6.23
C5 SJO B 4 -1.43 -2.58 -6.03
N7 SJO B 4 -1.98 -2.81 -7.28
C8 SJO B 4 -2.73 -3.86 -7.11
C8A SJO B 4 -3.56 -4.48 -8.25
C3' SJO B 4 -2.67 -6.57 -3.21
O3' SJO B 4 -2.94 -7.91 -2.82
H31 SJO B 4 -0.79 -8.55 -4.79
H32 SJO B 4 -0.93 -7.85 -6.42
H33 SJO B 4 -1.66 -9.44 -6.07
H2'' SJO B 4 -1.39 -6.17 -4.90
H5' SJO B 4 -3.71 -4.99 -0.91
H5'' SJO B 4 -2.44 -4.41 -2.01
H4' SJO B 4 -4.72 -6.30 -2.56
H1' SJO B 4 -4.01 -5.98 -6.03
H21 SJO B 4 0.33 -1.96 -1.85
H22 SJO B 4 -0.62 -3.37 -1.49
H1 SJO B 4 0.41 -1.04 -3.84
H81 SJO B 4 -3.60 -3.80 -9.09
H82 SJO B 4 -4.57 -4.68 -7.89
H83 SJO B 4 -3.10 -5.42 -8.58
H3' SJO B 4 -1.81 -6.20 -2.67
P SJO A 4 3.24 0.62 3.28
O1P SJO A 4 2.89 -0.70 3.85
O2P SJO A 4 2.33 1.28 2.32
O5' SJO A 4 3.49 1.64 4.51
C2A SJO A 4 0.82 7.09 7.54
C2' SJO A 4 1.91 5.39 6.30
O2' SJO A 4 1.93 6.20 7.48
C5' SJO A 4 2.40 2.03 5.36
C4' SJO A 4 2.79 3.12 6.37
O4' SJO A 4 3.78 3.98 5.81
C1' SJO A 4 3.31 5.33 5.70
N9 SJO A 4 3.28 5.76 4.30
C4 SJO A 4 2.54 5.15 3.31
N3 SJO A 4 1.72 4.09 3.49
C2 SJO A 4 1.16 3.71 2.36
N2 SJO A 4 0.31 2.67 2.35
N1 SJO A 4 1.37 4.32 1.15
C6 SJO A 4 2.20 5.41 0.94
O6 SJO A 4 2.33 5.89 -0.18
C5 SJO A 4 2.82 5.83 2.15
N7 SJO A 4 3.72 6.87 2.39
C8 SJO A 4 3.95 6.78 3.68
C8A SJO A 4 4.91 7.73 4.41
C3' SJO A 4 1.54 3.97 6.65
O3' SJO A 4 1.22 3.89 8.04
H31 SJO A 4 0.87 7.79 6.69
H32 SJO A 4 0.85 7.66 8.47
H33 SJO A 4 -0.12 6.54 7.49
H2'' SJO A 4 1.21 5.79 5.56
H5' SJO A 4 2.06 1.15 5.90
H5'' SJO A 4 1.59 2.38 4.72
H4' SJO A 4 3.15 2.66 7.29
H1' SJO A 4 3.96 5.99 6.26
H21 SJO A 4 -0.13 2.39 1.49
H22 SJO A 4 0.11 2.17 3.21
H1 SJO A 4 0.87 3.97 0.35
H81 SJO A 4 4.33 8.45 5.00
H82 SJO A 4 5.51 8.28 3.68
H83 SJO A 4 5.56 7.17 5.06
H3' SJO A 4 0.70 3.63 6.05
P SJO B 4 -3.84 -2.12 -1.16
O1P SJO B 4 -4.14 -2.37 0.27
O2P SJO B 4 -2.48 -1.71 -1.56
O5' SJO B 4 -4.25 -3.43 -1.99
C2A SJO B 4 -1.49 -8.55 -5.51
C2' SJO B 4 -2.45 -6.59 -4.56
O2' SJO B 4 -2.70 -7.88 -5.12
C5' SJO B 4 -3.52 -4.65 -1.80
C4' SJO B 4 -3.92 -5.75 -2.81
O4' SJO B 4 -4.30 -5.15 -4.05
C1' SJO B 4 -3.46 -5.60 -5.13
N9 SJO B 4 -2.76 -4.45 -5.73
C4 SJO B 4 -1.91 -3.62 -5.05
N3 SJO B 4 -1.59 -3.72 -3.73
C2 SJO B 4 -0.75 -2.77 -3.35
N2 SJO B 4 -0.32 -2.73 -2.09
N1 SJO B 4 -0.27 -1.80 -4.18
C6 SJO B 4 -0.58 -1.66 -5.53
O6 SJO B 4 -0.10 -0.75 -6.19
C5 SJO B 4 -1.48 -2.68 -5.95
N7 SJO B 4 -2.05 -2.92 -7.20
C8 SJO B 4 -2.79 -3.98 -7.02
C8A SJO B 4 -3.64 -4.61 -8.13
C3' SJO B 4 -2.70 -6.62 -3.07
O3' SJO B 4 -2.97 -7.97 -2.66
H31 SJO B 4 -0.84 -8.64 -4.64
H32 SJO B 4 -0.99 -7.96 -6.28
H33 SJO B 4 -1.72 -9.54 -5.89
H2'' SJO B 4 -1.43 -6.26 -4.78
H5' SJO B 4 -3.72 -5.02 -0.79
H5'' SJO B 4 -2.46 -4.44 -1.90
H4' SJO B 4 -4.74 -6.35 -2.41
H1' SJO B 4 -4.06 -6.08 -5.89
H21 SJO B 4 0.32 -2.01 -1.79
H22 SJO B 4 -0.64 -3.42 -1.42
H1 SJO B 4 0.38 -1.12 -3.80
H81 SJO B 4 -3.69 -3.93 -8.99
H82 SJO B 4 -4.64 -4.81 -7.76
H83 SJO B 4 -3.17 -5.55 -8.45
H3' SJO B 4 -1.83 -6.25 -2.54
P SJO A 4 3.14 0.50 3.28
O1P SJO A 4 2.76 -0.83 3.80
O2P SJO A 4 2.26 1.19 2.31
O5' SJO A 4 3.37 1.48 4.54
C2A SJO A 4 0.70 6.88 7.67
C2' SJO A 4 1.80 5.20 6.41
O2' SJO A 4 1.81 5.96 7.62
C5' SJO A 4 2.27 1.86 5.37
C4' SJO A 4 2.64 2.91 6.43
O4' SJO A 4 3.67 3.77 5.92
C1' SJO A 4 3.22 5.13 5.85
N9 SJO A 4 3.23 5.60 4.45
C4 SJO A 4 2.51 5.04 3.43
N3 SJO A 4 1.69 3.97 3.56
C2 SJO A 4 1.13 3.64 2.40
N2 SJO A 4 0.28 2.62 2.34
N1 SJO A 4 1.37 4.30 1.21
C6 SJO A 4 2.23 5.38 1.07
O6 SJO A 4 2.38 5.91 -0.03
C5 SJO A 4 2.82 5.75 2.30
N7 SJO A 4 3.73 6.77 2.60
C8 SJO A 4 3.93 6.64 3.88
C8A SJO A 4 4.88 7.55 4.67
C3' SJO A 4 1.40 3.77 6.71
O3' SJO A 4 1.05 3.65 8.09
H31 SJO A 4 0.72 7.42 8.62
H32 SJO A 4 -0.23 6.33 7.58
H33 SJO A 4 0.78 7.60 6.85
H2'' SJO A 4 1.13 5.63 5.67
H5' SJO A 4 1.89 0.96 5.87
H5'' SJO A 4 1.48 2.25 4.73
H4' SJO A 4 2.98 2.42 7.34
H1' SJO A 4 3.87 5.76 6.44
H21 SJO A 4 -0.14 2.36 1.45
H22 SJO A 4 0.05 2.10 3.17
H1 SJO A 4 0.90 3.98 0.39
H81 SJO A 4 4.30 8.23 5.29
H82 SJO A 4 5.49 8.13 3.98
H83 SJO A 4 5.53 6.95 5.30
H3' SJO A 4 0.57 3.46 6.08
P SJO B 4 -3.81 -1.99 -1.43
O1P SJO B 4 -4.17 -2.26 -0.02
O2P SJO B 4 -2.44 -1.60 -1.78
O5' SJO B 4 -4.20 -3.29 -2.30
C2A SJO B 4 -1.39 -8.40 -5.77
C2' SJO B 4 -2.37 -6.46 -4.82
O2' SJO B 4 -2.62 -7.75 -5.40
C5' SJO B 4 -3.49 -4.52 -2.10
C4' SJO B 4 -3.89 -5.61 -3.11
O4' SJO B 4 -4.23 -5.01 -4.37
C1' SJO B 4 -3.34 -5.44 -5.41
N9 SJO B 4 -2.61 -4.30 -5.97
C4 SJO B 4 -1.79 -3.48 -5.24
N3 SJO B 4 -1.50 -3.62 -3.93
C2 SJO B 4 -0.66 -2.68 -3.49
N2 SJO B 4 -0.29 -2.67 -2.21
N1 SJO B 4 -0.15 -1.69 -4.28
C6 SJO B 4 -0.43 -1.53 -5.64
O6 SJO B 4 0.09 -0.61 -6.27
C5 SJO B 4 -1.32 -2.53 -6.12
N7 SJO B 4 -1.84 -2.75 -7.39
C8 SJO B 4 -2.60 -3.80 -7.24
C8A SJO B 4 -3.40 -4.41 -8.41
C3' SJO B 4 -2.68 -6.51 -3.33
O3' SJO B 4 -2.99 -7.85 -2.96
H31 SJO B 4 -0.87 -7.81 -6.53
H32 SJO B 4 -1.62 -9.38 -6.18
H33 SJO B 4 -0.76 -8.51 -4.89
H2'' SJO B 4 -1.35 -6.14 -4.99
H5' SJO B 4 -3.70 -4.88 -1.08
H5'' SJO B 4 -2.43 -4.32 -2.18
H4' SJO B 4 -4.73 -6.19 -2.72
H1' SJO B 4 -3.91 -5.91 -6.20
H21 SJO B 4 0.35 -1.95 -1.89
H22 SJO B 4 -0.62 -3.37 -1.57
H1 SJO B 4 0.48 -1.03 -3.86
H81 SJO B 4 -2.93 -5.32 -8.74
H82 SJO B 4 -3.43 -3.70 -9.23
H83 SJO B 4 -4.42 -4.63 -8.07
H3' SJO B 4 -1.83 -6.16 -2.77
#